data_4XDQ
#
_entry.id   4XDQ
#
_cell.length_a   74.550
_cell.length_b   74.550
_cell.length_c   95.530
_cell.angle_alpha   90.000
_cell.angle_beta   90.000
_cell.angle_gamma   90.000
#
_symmetry.space_group_name_H-M   'P 43 21 2'
#
loop_
_entity.id
_entity.type
_entity.pdbx_description
1 polymer 'Glycoside hydrolase family protein'
2 non-polymer 'CALCIUM ION'
3 non-polymer 'CADMIUM ION'
4 non-polymer 'MAGNESIUM ION'
5 non-polymer 'CHLORIDE ION'
6 non-polymer 'BENZOIC ACID'
7 non-polymer 1,2-ETHANEDIOL
8 water water
#
_entity_poly.entity_id   1
_entity_poly.type   'polypeptide(L)'
_entity_poly.pdbx_seq_one_letter_code
;MAHHHHHHAQPVLDAPAPGPDTPEAASGPGLLFADEFDGPAGSPPDPAKWFIVPERETIRNPVEWDKPYNMGRYVTDQEH
VFHDGNGNLVIRATRGPGANIREKYASAKIVGLWRGGVGTTWEARVKLNCLTDGAWPAFWLLNDDPVRGAEIDIFEWYGN
RDWPSGATVHAKLDGTMFQTQNYPVDSAWHTWRMTWLPSGMYFWQDYEPGKEPFFTVLANSLPEWPFNDPGYTMVPVFNI
AVGGSGGREPAGGSYPADMIIDWIRVF
;
_entity_poly.pdbx_strand_id   A
#
# COMPACT_ATOMS: atom_id res chain seq x y z
N LEU A 31 -16.71 3.05 15.32
CA LEU A 31 -15.40 2.80 14.65
C LEU A 31 -14.33 2.40 15.64
N LEU A 32 -13.48 1.49 15.20
CA LEU A 32 -12.32 1.07 15.98
C LEU A 32 -11.10 1.95 15.74
N PHE A 33 -10.93 2.40 14.50
CA PHE A 33 -9.80 3.24 14.11
C PHE A 33 -10.23 4.03 12.89
N ALA A 34 -9.83 5.28 12.81
CA ALA A 34 -10.11 6.07 11.63
C ALA A 34 -9.11 7.20 11.54
N ASP A 35 -8.78 7.57 10.31
CA ASP A 35 -8.16 8.87 10.06
C ASP A 35 -8.93 9.47 8.90
N GLU A 36 -9.55 10.62 9.16
CA GLU A 36 -10.30 11.35 8.15
C GLU A 36 -9.41 12.33 7.38
N PHE A 37 -8.13 12.40 7.76
CA PHE A 37 -7.14 13.18 7.02
C PHE A 37 -7.58 14.64 6.82
N ASP A 38 -8.14 15.22 7.88
CA ASP A 38 -8.72 16.56 7.81
C ASP A 38 -7.78 17.62 8.40
N GLY A 39 -6.49 17.34 8.43
CA GLY A 39 -5.52 18.29 8.96
C GLY A 39 -5.22 19.46 8.04
N PRO A 40 -4.45 20.44 8.56
CA PRO A 40 -4.16 21.63 7.77
C PRO A 40 -3.21 21.38 6.62
N ALA A 41 -3.35 22.14 5.55
CA ALA A 41 -2.48 22.01 4.40
C ALA A 41 -1.01 22.05 4.82
N GLY A 42 -0.24 21.10 4.30
CA GLY A 42 1.19 21.04 4.55
C GLY A 42 1.61 20.32 5.81
N SER A 43 0.66 19.91 6.65
CA SER A 43 0.99 19.25 7.90
C SER A 43 1.25 17.76 7.66
N PRO A 44 2.07 17.14 8.53
CA PRO A 44 2.30 15.70 8.41
C PRO A 44 1.06 14.91 8.75
N PRO A 45 1.00 13.65 8.31
CA PRO A 45 -0.04 12.77 8.84
C PRO A 45 0.07 12.73 10.38
N ASP A 46 -1.05 12.58 11.07
CA ASP A 46 -1.10 12.60 12.52
C ASP A 46 -0.06 11.64 13.10
N PRO A 47 0.94 12.15 13.85
CA PRO A 47 1.99 11.23 14.31
C PRO A 47 1.58 10.28 15.44
N ALA A 48 0.39 10.46 16.00
CA ALA A 48 -0.17 9.46 16.91
C ALA A 48 -0.83 8.32 16.13
N LYS A 49 -1.05 8.52 14.83
CA LYS A 49 -1.71 7.50 13.99
C LYS A 49 -0.83 6.89 12.92
N TRP A 50 0.24 7.57 12.52
CA TRP A 50 1.07 7.12 11.40
C TRP A 50 2.55 7.22 11.70
N PHE A 51 3.25 6.11 11.46
CA PHE A 51 4.70 6.07 11.44
C PHE A 51 5.13 6.30 9.99
N ILE A 52 5.92 7.32 9.73
CA ILE A 52 6.38 7.61 8.40
C ILE A 52 7.73 6.91 8.23
N VAL A 53 7.81 5.97 7.29
CA VAL A 53 9.00 5.15 7.17
C VAL A 53 10.17 6.03 6.71
N PRO A 54 11.30 5.99 7.45
CA PRO A 54 12.31 7.02 7.19
C PRO A 54 13.33 6.68 6.10
N GLU A 55 13.32 5.45 5.63
CA GLU A 55 14.20 5.04 4.54
C GLU A 55 13.60 3.86 3.81
N ARG A 56 13.96 3.73 2.54
CA ARG A 56 13.54 2.59 1.74
C ARG A 56 14.16 1.32 2.31
N GLU A 57 13.39 0.25 2.33
CA GLU A 57 13.88 -1.06 2.77
C GLU A 57 15.09 -1.49 1.94
N THR A 58 15.97 -2.25 2.59
CA THR A 58 17.10 -2.88 1.93
C THR A 58 16.71 -4.33 1.69
N ILE A 59 16.55 -4.69 0.43
CA ILE A 59 16.07 -6.02 0.04
CA ILE A 59 16.07 -6.02 0.08
C ILE A 59 17.18 -7.04 0.24
N ARG A 60 16.86 -8.17 0.86
CA ARG A 60 17.81 -9.27 1.06
C ARG A 60 18.01 -10.02 -0.26
N ASN A 61 19.28 -10.33 -0.57
CA ASN A 61 19.63 -11.13 -1.76
C ASN A 61 19.03 -10.52 -3.03
N PRO A 62 19.27 -9.23 -3.26
CA PRO A 62 18.56 -8.55 -4.32
C PRO A 62 18.98 -8.95 -5.73
N VAL A 63 17.99 -9.11 -6.60
CA VAL A 63 18.24 -9.03 -8.05
C VAL A 63 18.47 -7.57 -8.45
N GLU A 64 18.86 -7.34 -9.70
CA GLU A 64 19.40 -6.02 -10.07
C GLU A 64 18.41 -4.87 -9.80
N TRP A 65 17.13 -5.10 -10.09
CA TRP A 65 16.13 -4.05 -9.88
C TRP A 65 15.93 -3.70 -8.41
N ASP A 66 16.26 -4.62 -7.52
CA ASP A 66 16.06 -4.44 -6.09
C ASP A 66 17.31 -3.99 -5.34
N LYS A 67 18.40 -3.74 -6.08
CA LYS A 67 19.57 -3.14 -5.44
C LYS A 67 19.27 -1.68 -5.08
N PRO A 68 19.90 -1.17 -4.02
CA PRO A 68 19.53 0.16 -3.56
C PRO A 68 19.52 1.24 -4.64
N TYR A 69 20.49 1.22 -5.56
CA TYR A 69 20.59 2.30 -6.53
C TYR A 69 19.39 2.36 -7.49
N ASN A 70 18.66 1.24 -7.62
CA ASN A 70 17.49 1.17 -8.49
C ASN A 70 16.16 1.33 -7.74
N MET A 71 16.23 1.76 -6.47
CA MET A 71 15.04 1.92 -5.66
CA MET A 71 15.09 1.86 -5.58
C MET A 71 14.94 3.31 -5.08
N GLY A 72 13.84 3.98 -5.44
CA GLY A 72 13.55 5.30 -4.94
C GLY A 72 13.58 5.37 -3.42
N ARG A 73 14.01 6.52 -2.91
CA ARG A 73 14.04 6.74 -1.47
C ARG A 73 12.63 6.89 -0.87
N TYR A 74 12.52 6.55 0.41
CA TYR A 74 11.41 6.99 1.22
C TYR A 74 11.91 8.11 2.12
N VAL A 75 11.12 9.17 2.24
CA VAL A 75 11.44 10.32 3.07
C VAL A 75 10.25 10.69 3.94
N THR A 76 10.49 11.53 4.93
CA THR A 76 9.44 11.85 5.92
C THR A 76 8.92 13.28 5.83
N ASP A 77 9.42 14.05 4.87
CA ASP A 77 9.07 15.45 4.77
C ASP A 77 7.71 15.70 4.11
N GLN A 78 7.24 16.93 4.26
CA GLN A 78 5.90 17.31 3.84
C GLN A 78 5.84 17.83 2.41
N GLU A 79 6.91 17.63 1.65
CA GLU A 79 6.83 17.68 0.19
C GLU A 79 6.42 16.30 -0.36
N HIS A 80 6.44 15.27 0.49
CA HIS A 80 6.15 13.89 0.05
C HIS A 80 5.01 13.19 0.77
N VAL A 81 4.71 13.59 2.00
CA VAL A 81 3.49 13.11 2.63
C VAL A 81 2.92 14.25 3.46
N PHE A 82 1.70 14.67 3.15
CA PHE A 82 1.15 15.89 3.74
C PHE A 82 -0.35 15.93 3.56
N HIS A 83 -1.04 16.59 4.49
CA HIS A 83 -2.45 16.89 4.28
C HIS A 83 -2.57 18.00 3.23
N ASP A 84 -3.60 17.94 2.41
CA ASP A 84 -3.82 19.00 1.42
C ASP A 84 -4.69 20.16 1.90
N GLY A 85 -5.29 20.02 3.09
CA GLY A 85 -6.17 21.07 3.62
C GLY A 85 -7.58 20.99 3.05
N ASN A 86 -7.82 20.03 2.17
CA ASN A 86 -9.11 19.84 1.53
C ASN A 86 -9.76 18.58 2.06
N GLY A 87 -9.18 17.97 3.10
CA GLY A 87 -9.70 16.73 3.65
C GLY A 87 -8.96 15.47 3.23
N ASN A 88 -7.81 15.59 2.55
CA ASN A 88 -7.06 14.41 2.11
C ASN A 88 -5.64 14.43 2.62
N LEU A 89 -5.05 13.24 2.68
CA LEU A 89 -3.62 13.08 2.72
C LEU A 89 -3.12 12.83 1.30
N VAL A 90 -1.95 13.39 1.00
CA VAL A 90 -1.26 13.14 -0.27
C VAL A 90 0.05 12.43 0.04
N ILE A 91 0.27 11.31 -0.65
CA ILE A 91 1.60 10.69 -0.75
C ILE A 91 2.07 10.99 -2.17
N ARG A 92 3.27 11.56 -2.27
CA ARG A 92 3.78 12.06 -3.54
C ARG A 92 5.16 11.50 -3.81
N ALA A 93 5.32 10.97 -5.02
CA ALA A 93 6.62 10.61 -5.56
C ALA A 93 7.10 11.72 -6.47
N THR A 94 8.35 12.14 -6.28
CA THR A 94 8.97 13.19 -7.06
C THR A 94 10.21 12.71 -7.80
N ARG A 95 10.51 13.41 -8.89
CA ARG A 95 11.74 13.24 -9.64
C ARG A 95 12.57 14.52 -9.54
N GLY A 96 13.84 14.35 -9.16
CA GLY A 96 14.80 15.43 -9.14
C GLY A 96 16.13 14.99 -9.73
N PRO A 97 17.17 15.83 -9.56
CA PRO A 97 18.46 15.50 -10.15
C PRO A 97 19.14 14.33 -9.42
N GLY A 98 20.01 13.62 -10.13
CA GLY A 98 20.76 12.55 -9.52
C GLY A 98 21.31 11.57 -10.52
N ALA A 99 22.15 10.67 -10.02
CA ALA A 99 22.90 9.75 -10.89
C ALA A 99 22.19 8.41 -11.10
N ASN A 100 21.19 8.13 -10.28
CA ASN A 100 20.49 6.85 -10.35
C ASN A 100 19.08 7.02 -9.80
N ILE A 101 18.28 5.97 -9.86
CA ILE A 101 16.89 6.04 -9.39
C ILE A 101 16.82 6.43 -7.90
N ARG A 102 17.71 5.87 -7.08
CA ARG A 102 17.73 6.19 -5.65
C ARG A 102 17.89 7.69 -5.44
N GLU A 103 18.83 8.32 -6.12
CA GLU A 103 19.08 9.76 -5.94
C GLU A 103 17.96 10.60 -6.53
N LYS A 104 17.47 10.22 -7.70
CA LYS A 104 16.49 11.02 -8.42
C LYS A 104 15.10 11.02 -7.78
N TYR A 105 14.69 9.88 -7.23
CA TYR A 105 13.29 9.69 -6.84
C TYR A 105 13.13 9.56 -5.34
N ALA A 106 12.07 10.20 -4.84
CA ALA A 106 11.70 10.12 -3.43
C ALA A 106 10.20 10.03 -3.33
N SER A 107 9.74 9.25 -2.35
CA SER A 107 8.30 9.07 -2.11
CA SER A 107 8.32 9.04 -2.11
C SER A 107 8.11 8.74 -0.62
N ALA A 108 6.98 8.14 -0.25
CA ALA A 108 6.72 7.88 1.17
C ALA A 108 5.87 6.65 1.37
N LYS A 109 5.95 6.15 2.60
CA LYS A 109 5.22 4.99 3.07
C LYS A 109 4.82 5.29 4.51
N ILE A 110 3.53 5.08 4.82
CA ILE A 110 3.02 5.31 6.16
C ILE A 110 2.45 4.02 6.71
N VAL A 111 2.73 3.76 7.99
CA VAL A 111 2.31 2.56 8.68
C VAL A 111 1.43 2.99 9.85
N GLY A 112 0.22 2.47 9.92
CA GLY A 112 -0.70 2.88 10.98
C GLY A 112 -0.29 2.39 12.34
N LEU A 113 -0.44 3.27 13.33
CA LEU A 113 -0.09 2.97 14.72
C LEU A 113 -1.30 2.44 15.47
N TRP A 114 -1.91 1.41 14.89
CA TRP A 114 -3.09 0.76 15.46
C TRP A 114 -3.18 -0.61 14.81
N ARG A 115 -3.39 -1.62 15.65
CA ARG A 115 -3.47 -2.99 15.21
C ARG A 115 -4.90 -3.52 15.29
N GLY A 116 -5.35 -4.15 14.22
CA GLY A 116 -6.69 -4.73 14.15
C GLY A 116 -6.64 -6.22 13.92
N GLY A 117 -7.66 -6.91 14.40
CA GLY A 117 -7.72 -8.37 14.35
C GLY A 117 -8.93 -8.93 13.62
N VAL A 118 -9.17 -10.21 13.85
CA VAL A 118 -10.22 -10.91 13.12
C VAL A 118 -11.58 -10.25 13.35
N GLY A 119 -12.38 -10.24 12.29
CA GLY A 119 -13.72 -9.66 12.29
C GLY A 119 -13.82 -8.24 11.79
N THR A 120 -12.69 -7.60 11.55
CA THR A 120 -12.65 -6.20 11.19
C THR A 120 -12.92 -5.97 9.71
N THR A 121 -13.52 -4.82 9.44
CA THR A 121 -13.75 -4.31 8.08
C THR A 121 -12.89 -3.08 7.90
N TRP A 122 -12.00 -3.14 6.90
CA TRP A 122 -11.06 -2.06 6.60
C TRP A 122 -11.50 -1.40 5.31
N GLU A 123 -11.59 -0.08 5.30
CA GLU A 123 -12.02 0.60 4.09
C GLU A 123 -11.32 1.94 3.97
N ALA A 124 -10.92 2.28 2.74
CA ALA A 124 -10.30 3.57 2.48
C ALA A 124 -10.82 4.14 1.18
N ARG A 125 -10.87 5.46 1.12
CA ARG A 125 -11.28 6.16 -0.09
C ARG A 125 -10.04 6.85 -0.65
N VAL A 126 -9.69 6.49 -1.89
CA VAL A 126 -8.39 6.79 -2.48
C VAL A 126 -8.57 7.20 -3.95
N LYS A 127 -7.74 8.13 -4.39
CA LYS A 127 -7.64 8.47 -5.80
C LYS A 127 -6.18 8.30 -6.23
N LEU A 128 -5.95 7.48 -7.26
CA LEU A 128 -4.60 7.17 -7.72
C LEU A 128 -4.19 8.00 -8.93
N ASN A 129 -3.51 9.11 -8.67
CA ASN A 129 -2.94 9.98 -9.70
C ASN A 129 -1.47 9.64 -9.90
N CYS A 130 -1.14 8.36 -9.76
CA CYS A 130 0.24 7.90 -9.77
C CYS A 130 0.45 6.62 -10.59
N LEU A 131 -0.45 6.35 -11.53
CA LEU A 131 -0.39 5.13 -12.33
C LEU A 131 0.49 5.39 -13.55
N THR A 132 1.79 5.40 -13.29
CA THR A 132 2.78 5.83 -14.27
C THR A 132 4.04 4.97 -14.16
N ASP A 133 4.88 4.99 -15.19
CA ASP A 133 6.04 4.12 -15.24
C ASP A 133 6.88 4.33 -13.99
N GLY A 134 7.34 3.21 -13.41
CA GLY A 134 8.23 3.25 -12.25
C GLY A 134 7.54 3.31 -10.90
N ALA A 135 6.27 3.70 -10.87
CA ALA A 135 5.55 3.89 -9.63
C ALA A 135 4.83 2.61 -9.24
N TRP A 136 4.64 2.42 -7.93
CA TRP A 136 4.16 1.15 -7.41
C TRP A 136 3.37 1.43 -6.13
N PRO A 137 2.13 1.90 -6.31
CA PRO A 137 1.28 2.24 -5.17
C PRO A 137 0.56 1.02 -4.61
N ALA A 138 0.27 1.07 -3.32
CA ALA A 138 -0.44 -0.01 -2.67
C ALA A 138 -1.14 0.46 -1.41
N PHE A 139 -2.21 -0.27 -1.06
CA PHE A 139 -2.91 -0.18 0.22
C PHE A 139 -2.97 -1.61 0.72
N TRP A 140 -2.44 -1.84 1.91
CA TRP A 140 -2.22 -3.21 2.36
C TRP A 140 -2.21 -3.30 3.87
N LEU A 141 -2.42 -4.51 4.38
CA LEU A 141 -2.26 -4.80 5.79
C LEU A 141 -1.02 -5.67 6.00
N LEU A 142 -0.39 -5.49 7.15
CA LEU A 142 0.86 -6.17 7.46
C LEU A 142 0.94 -6.67 8.89
N ASN A 143 1.49 -7.88 9.04
CA ASN A 143 2.09 -8.28 10.31
C ASN A 143 3.48 -8.77 9.94
N ASP A 144 4.51 -8.07 10.43
CA ASP A 144 5.86 -8.35 9.96
C ASP A 144 6.65 -9.30 10.86
N ASP A 145 5.95 -10.08 11.69
CA ASP A 145 6.61 -11.10 12.49
C ASP A 145 7.42 -12.02 11.58
N PRO A 146 8.68 -12.31 11.96
CA PRO A 146 9.53 -13.01 10.99
C PRO A 146 9.18 -14.49 10.77
N VAL A 147 8.48 -15.12 11.71
CA VAL A 147 8.09 -16.52 11.49
C VAL A 147 6.58 -16.72 11.29
N ARG A 148 5.77 -15.75 11.72
CA ARG A 148 4.32 -15.90 11.63
C ARG A 148 3.63 -14.70 10.96
N GLY A 149 4.42 -13.86 10.30
CA GLY A 149 3.90 -12.68 9.63
C GLY A 149 3.10 -13.02 8.39
N ALA A 150 2.42 -12.00 7.87
CA ALA A 150 1.55 -12.16 6.72
C ALA A 150 1.23 -10.79 6.14
N GLU A 151 0.63 -10.78 4.96
CA GLU A 151 0.39 -9.53 4.25
C GLU A 151 -0.87 -9.68 3.42
N ILE A 152 -1.69 -8.63 3.40
CA ILE A 152 -2.90 -8.61 2.58
C ILE A 152 -2.83 -7.35 1.73
N ASP A 153 -2.71 -7.52 0.41
CA ASP A 153 -2.65 -6.40 -0.51
C ASP A 153 -4.03 -6.13 -1.05
N ILE A 154 -4.61 -4.99 -0.67
CA ILE A 154 -6.00 -4.67 -0.99
C ILE A 154 -6.09 -4.12 -2.40
N PHE A 155 -5.21 -3.18 -2.73
CA PHE A 155 -4.90 -2.93 -4.14
C PHE A 155 -3.39 -2.78 -4.28
N GLU A 156 -2.92 -3.09 -5.49
CA GLU A 156 -1.53 -2.93 -5.83
C GLU A 156 -1.49 -2.73 -7.34
N TRP A 157 -0.73 -1.74 -7.81
CA TRP A 157 -0.56 -1.50 -9.25
C TRP A 157 0.94 -1.40 -9.50
N TYR A 158 1.37 -1.95 -10.63
CA TYR A 158 2.80 -2.04 -10.93
C TYR A 158 3.19 -1.17 -12.11
N GLY A 159 4.13 -0.26 -11.87
CA GLY A 159 4.63 0.63 -12.91
C GLY A 159 5.64 0.00 -13.84
N ASN A 160 5.87 -1.32 -13.71
CA ASN A 160 6.87 -2.00 -14.53
C ASN A 160 6.40 -2.45 -15.93
N ARG A 161 5.21 -2.01 -16.34
CA ARG A 161 4.72 -2.30 -17.69
CA ARG A 161 4.72 -2.30 -17.69
C ARG A 161 4.77 -3.81 -17.96
N ASP A 162 4.35 -4.59 -16.97
CA ASP A 162 4.47 -6.05 -17.05
C ASP A 162 3.44 -6.73 -16.14
N TRP A 163 3.59 -6.58 -14.83
CA TRP A 163 2.76 -7.32 -13.89
C TRP A 163 1.36 -6.73 -13.76
N PRO A 164 0.34 -7.60 -13.70
CA PRO A 164 -1.03 -7.12 -13.56
C PRO A 164 -1.38 -6.59 -12.18
N SER A 165 -2.19 -5.53 -12.14
CA SER A 165 -2.67 -5.01 -10.87
C SER A 165 -3.66 -5.97 -10.23
N GLY A 166 -3.78 -5.89 -8.91
CA GLY A 166 -4.75 -6.72 -8.23
C GLY A 166 -4.52 -6.81 -6.74
N ALA A 167 -5.18 -7.79 -6.14
CA ALA A 167 -5.20 -7.99 -4.70
C ALA A 167 -4.62 -9.36 -4.38
N THR A 168 -4.05 -9.52 -3.18
CA THR A 168 -3.36 -10.75 -2.81
C THR A 168 -3.49 -11.00 -1.31
N VAL A 169 -3.67 -12.27 -0.93
CA VAL A 169 -3.49 -12.69 0.45
C VAL A 169 -2.23 -13.55 0.52
N HIS A 170 -1.23 -13.07 1.26
CA HIS A 170 -0.01 -13.82 1.54
C HIS A 170 -0.11 -14.40 2.94
N ALA A 171 -0.22 -15.72 3.04
CA ALA A 171 -0.24 -16.36 4.35
C ALA A 171 1.16 -16.48 4.98
N LYS A 172 2.20 -16.25 4.18
CA LYS A 172 3.58 -16.17 4.65
C LYS A 172 4.26 -14.99 3.95
N LEU A 173 5.23 -14.39 4.61
CA LEU A 173 5.99 -13.26 4.02
C LEU A 173 7.06 -13.66 3.01
N ASP A 174 7.33 -14.95 2.86
CA ASP A 174 8.36 -15.40 1.94
C ASP A 174 7.85 -15.60 0.51
N GLY A 175 6.56 -15.27 0.28
CA GLY A 175 6.00 -15.33 -1.05
C GLY A 175 5.59 -16.71 -1.54
N THR A 176 5.64 -17.71 -0.67
CA THR A 176 5.45 -19.10 -1.07
C THR A 176 4.05 -19.66 -0.83
N MET A 177 3.13 -18.85 -0.31
CA MET A 177 1.81 -19.35 0.07
C MET A 177 0.78 -18.23 0.00
N PHE A 178 0.22 -18.05 -1.19
CA PHE A 178 -0.67 -16.93 -1.45
C PHE A 178 -1.78 -17.29 -2.41
N GLN A 179 -2.80 -16.43 -2.41
CA GLN A 179 -3.82 -16.42 -3.45
C GLN A 179 -3.91 -14.98 -3.98
N THR A 180 -4.05 -14.82 -5.28
CA THR A 180 -4.12 -13.52 -5.90
C THR A 180 -5.26 -13.44 -6.89
N GLN A 181 -5.74 -12.21 -7.13
CA GLN A 181 -6.77 -11.94 -8.12
C GLN A 181 -6.41 -10.66 -8.86
N ASN A 182 -6.23 -10.77 -10.16
CA ASN A 182 -6.03 -9.60 -11.00
C ASN A 182 -7.29 -8.78 -10.97
N TYR A 183 -7.13 -7.45 -10.88
CA TYR A 183 -8.28 -6.55 -10.83
C TYR A 183 -7.82 -5.21 -11.36
N PRO A 184 -8.61 -4.60 -12.26
CA PRO A 184 -8.13 -3.37 -12.86
C PRO A 184 -8.13 -2.22 -11.86
N VAL A 185 -7.08 -1.40 -11.91
CA VAL A 185 -6.95 -0.25 -11.04
C VAL A 185 -6.79 0.96 -11.93
N ASP A 186 -7.73 1.90 -11.83
CA ASP A 186 -7.69 3.14 -12.62
C ASP A 186 -7.56 4.34 -11.69
N SER A 187 -7.61 5.55 -12.26
CA SER A 187 -7.31 6.79 -11.55
C SER A 187 -8.52 7.52 -10.95
N ALA A 188 -9.70 6.93 -11.06
CA ALA A 188 -10.90 7.54 -10.51
C ALA A 188 -10.94 7.37 -8.99
N TRP A 189 -11.71 8.21 -8.31
CA TRP A 189 -11.99 7.98 -6.91
C TRP A 189 -12.65 6.61 -6.72
N HIS A 190 -12.19 5.87 -5.72
CA HIS A 190 -12.84 4.63 -5.30
C HIS A 190 -12.70 4.45 -3.81
N THR A 191 -13.62 3.68 -3.25
CA THR A 191 -13.36 3.05 -1.97
C THR A 191 -12.88 1.62 -2.20
N TRP A 192 -12.06 1.14 -1.28
CA TRP A 192 -11.51 -0.19 -1.31
C TRP A 192 -11.75 -0.79 0.07
N ARG A 193 -12.37 -1.96 0.12
CA ARG A 193 -12.77 -2.60 1.36
C ARG A 193 -12.20 -4.00 1.44
N MET A 194 -11.69 -4.36 2.61
CA MET A 194 -11.32 -5.73 2.88
C MET A 194 -11.91 -6.10 4.24
N THR A 195 -12.81 -7.09 4.22
CA THR A 195 -13.41 -7.62 5.43
C THR A 195 -12.73 -8.92 5.79
N TRP A 196 -12.21 -8.94 7.02
CA TRP A 196 -11.43 -10.05 7.56
C TRP A 196 -12.35 -10.83 8.49
N LEU A 197 -12.77 -12.02 8.03
CA LEU A 197 -13.67 -12.87 8.81
C LEU A 197 -12.97 -14.16 9.20
N PRO A 198 -13.52 -14.90 10.17
CA PRO A 198 -12.95 -16.21 10.47
C PRO A 198 -12.89 -17.12 9.24
N SER A 199 -13.88 -16.98 8.35
CA SER A 199 -14.00 -17.82 7.18
C SER A 199 -13.12 -17.42 6.01
N GLY A 200 -12.60 -16.19 6.01
CA GLY A 200 -11.85 -15.75 4.84
C GLY A 200 -11.69 -14.25 4.77
N MET A 201 -10.96 -13.82 3.75
CA MET A 201 -10.80 -12.41 3.42
C MET A 201 -11.65 -12.08 2.20
N TYR A 202 -12.39 -10.96 2.27
CA TYR A 202 -13.34 -10.59 1.22
C TYR A 202 -13.04 -9.15 0.81
N PHE A 203 -12.97 -8.91 -0.50
CA PHE A 203 -12.47 -7.63 -1.03
C PHE A 203 -13.53 -6.99 -1.93
N TRP A 204 -13.75 -5.69 -1.78
CA TRP A 204 -14.62 -4.92 -2.67
C TRP A 204 -13.95 -3.65 -3.16
N GLN A 205 -14.42 -3.21 -4.32
CA GLN A 205 -14.23 -1.86 -4.78
C GLN A 205 -15.60 -1.19 -4.76
N ASP A 206 -15.69 0.01 -4.19
CA ASP A 206 -16.94 0.76 -4.17
C ASP A 206 -18.09 -0.05 -3.57
N TYR A 207 -17.83 -0.64 -2.40
CA TYR A 207 -18.82 -1.39 -1.67
C TYR A 207 -20.12 -0.61 -1.49
N GLU A 208 -21.22 -1.32 -1.68
CA GLU A 208 -22.52 -0.91 -1.17
C GLU A 208 -23.24 -2.20 -0.82
N PRO A 209 -24.27 -2.12 0.04
CA PRO A 209 -25.01 -3.33 0.42
C PRO A 209 -25.44 -4.14 -0.80
N GLY A 210 -25.15 -5.44 -0.75
CA GLY A 210 -25.50 -6.35 -1.83
C GLY A 210 -24.47 -6.52 -2.93
N LYS A 211 -23.44 -5.67 -2.95
CA LYS A 211 -22.42 -5.77 -4.00
C LYS A 211 -21.57 -7.01 -3.77
N GLU A 212 -21.24 -7.69 -4.86
CA GLU A 212 -20.38 -8.87 -4.77
C GLU A 212 -18.92 -8.47 -4.59
N PRO A 213 -18.19 -9.18 -3.72
CA PRO A 213 -16.77 -8.94 -3.64
C PRO A 213 -16.08 -9.31 -4.95
N PHE A 214 -15.02 -8.59 -5.30
CA PHE A 214 -14.22 -8.94 -6.47
C PHE A 214 -13.22 -10.06 -6.21
N PHE A 215 -12.99 -10.38 -4.93
CA PHE A 215 -12.03 -11.42 -4.56
C PHE A 215 -12.43 -11.96 -3.21
N THR A 216 -12.41 -13.29 -3.10
CA THR A 216 -12.64 -13.98 -1.86
C THR A 216 -11.52 -14.99 -1.67
N VAL A 217 -10.88 -14.98 -0.50
CA VAL A 217 -9.91 -16.01 -0.15
C VAL A 217 -10.42 -16.72 1.10
N LEU A 218 -10.89 -17.94 0.93
CA LEU A 218 -11.39 -18.70 2.07
C LEU A 218 -10.23 -19.20 2.94
N ALA A 219 -10.45 -19.18 4.25
CA ALA A 219 -9.43 -19.60 5.20
C ALA A 219 -8.98 -21.04 5.00
N ASN A 220 -9.88 -21.88 4.48
CA ASN A 220 -9.56 -23.28 4.24
C ASN A 220 -8.84 -23.52 2.90
N SER A 221 -8.51 -22.44 2.17
CA SER A 221 -7.94 -22.55 0.83
C SER A 221 -6.41 -22.53 0.81
N LEU A 222 -5.80 -22.29 1.98
CA LEU A 222 -4.34 -22.34 2.13
C LEU A 222 -4.00 -23.21 3.33
N PRO A 223 -2.82 -23.85 3.33
CA PRO A 223 -2.52 -24.76 4.46
C PRO A 223 -2.13 -24.07 5.74
N GLU A 224 -1.81 -22.79 5.66
CA GLU A 224 -1.59 -21.96 6.84
C GLU A 224 -2.50 -20.76 6.75
N TRP A 225 -2.94 -20.33 7.92
CA TRP A 225 -3.84 -19.18 8.02
C TRP A 225 -3.55 -18.47 9.33
N PRO A 226 -2.46 -17.69 9.36
CA PRO A 226 -2.06 -17.06 10.62
C PRO A 226 -3.12 -16.11 11.17
N PHE A 227 -3.99 -15.63 10.29
CA PHE A 227 -5.00 -14.64 10.62
C PHE A 227 -6.00 -15.17 11.65
N ASN A 228 -6.13 -16.51 11.78
CA ASN A 228 -6.94 -17.08 12.85
C ASN A 228 -6.17 -17.50 14.10
N ASP A 229 -4.88 -17.15 14.21
CA ASP A 229 -4.17 -17.40 15.45
C ASP A 229 -4.76 -16.53 16.55
N PRO A 230 -4.75 -17.01 17.80
CA PRO A 230 -5.26 -16.17 18.89
C PRO A 230 -4.58 -14.82 18.94
N GLY A 231 -5.41 -13.75 18.91
CA GLY A 231 -4.92 -12.39 19.02
C GLY A 231 -4.12 -11.84 17.86
N TYR A 232 -4.15 -12.50 16.71
CA TYR A 232 -3.38 -12.03 15.56
C TYR A 232 -3.86 -10.68 15.11
N THR A 233 -2.95 -9.73 14.93
CA THR A 233 -3.34 -8.43 14.47
C THR A 233 -2.42 -7.90 13.38
N MET A 234 -2.95 -6.94 12.60
CA MET A 234 -2.26 -6.35 11.47
C MET A 234 -2.42 -4.85 11.50
N VAL A 235 -1.52 -4.16 10.79
CA VAL A 235 -1.54 -2.71 10.68
C VAL A 235 -1.77 -2.30 9.22
N PRO A 236 -2.40 -1.15 9.00
CA PRO A 236 -2.60 -0.65 7.63
C PRO A 236 -1.39 0.12 7.13
N VAL A 237 -1.16 0.02 5.82
CA VAL A 237 -0.04 0.66 5.16
C VAL A 237 -0.53 1.28 3.85
N PHE A 238 -0.07 2.51 3.58
CA PHE A 238 -0.21 3.11 2.26
C PHE A 238 1.19 3.53 1.79
N ASN A 239 1.49 3.34 0.51
CA ASN A 239 2.76 3.78 0.00
C ASN A 239 2.73 3.96 -1.50
N ILE A 240 3.68 4.76 -2.00
CA ILE A 240 4.06 4.67 -3.40
C ILE A 240 5.55 4.36 -3.41
N ALA A 241 5.91 3.18 -3.89
CA ALA A 241 7.32 2.84 -4.11
C ALA A 241 7.69 3.27 -5.52
N VAL A 242 8.98 3.60 -5.74
CA VAL A 242 9.48 3.90 -7.07
C VAL A 242 10.61 2.93 -7.36
N GLY A 243 10.60 2.36 -8.56
CA GLY A 243 11.62 1.42 -8.96
C GLY A 243 11.44 0.07 -8.31
N GLY A 244 12.53 -0.65 -8.08
CA GLY A 244 12.44 -2.01 -7.56
C GLY A 244 11.85 -2.95 -8.59
N SER A 245 11.62 -4.19 -8.20
CA SER A 245 11.10 -5.18 -9.15
C SER A 245 9.69 -4.83 -9.64
N GLY A 246 8.88 -4.21 -8.78
CA GLY A 246 7.51 -3.88 -9.12
C GLY A 246 7.35 -2.64 -9.98
N GLY A 247 8.26 -1.67 -9.84
CA GLY A 247 8.18 -0.43 -10.62
C GLY A 247 9.10 -0.39 -11.84
N ARG A 248 10.27 -1.00 -11.71
CA ARG A 248 11.32 -0.95 -12.74
C ARG A 248 11.54 0.49 -13.22
N GLU A 249 11.74 0.72 -14.52
CA GLU A 249 12.28 1.98 -14.99
C GLU A 249 11.28 3.14 -14.88
N PRO A 250 11.61 4.21 -14.10
CA PRO A 250 10.67 5.35 -14.04
C PRO A 250 10.89 6.48 -15.06
N ALA A 251 11.93 6.39 -15.89
CA ALA A 251 12.27 7.53 -16.76
C ALA A 251 11.12 8.01 -17.64
N GLY A 252 10.31 7.07 -18.12
CA GLY A 252 9.16 7.39 -18.96
C GLY A 252 7.93 7.88 -18.23
N GLY A 253 7.96 7.86 -16.91
CA GLY A 253 6.79 8.22 -16.12
C GLY A 253 6.61 9.70 -15.91
N SER A 254 5.41 10.05 -15.42
N SER A 254 5.40 10.05 -15.46
CA SER A 254 5.00 11.41 -15.16
CA SER A 254 5.04 11.44 -15.19
C SER A 254 5.06 11.70 -13.67
C SER A 254 5.06 11.72 -13.68
N TYR A 255 6.00 12.57 -13.28
CA TYR A 255 6.19 12.93 -11.87
C TYR A 255 6.04 14.45 -11.75
N PRO A 256 5.49 14.95 -10.65
CA PRO A 256 5.09 14.19 -9.47
C PRO A 256 3.88 13.27 -9.66
N ALA A 257 3.87 12.20 -8.89
CA ALA A 257 2.86 11.14 -8.97
C ALA A 257 2.25 11.02 -7.58
N ASP A 258 0.94 11.24 -7.50
CA ASP A 258 0.23 11.37 -6.22
C ASP A 258 -0.78 10.25 -5.95
N MET A 259 -0.83 9.84 -4.67
CA MET A 259 -1.93 9.05 -4.11
C MET A 259 -2.66 10.01 -3.16
N ILE A 260 -3.98 10.15 -3.37
CA ILE A 260 -4.82 11.03 -2.58
CA ILE A 260 -4.79 11.03 -2.55
C ILE A 260 -5.72 10.17 -1.70
N ILE A 261 -5.66 10.36 -0.39
CA ILE A 261 -6.40 9.51 0.54
C ILE A 261 -7.36 10.38 1.34
N ASP A 262 -8.65 10.17 1.12
CA ASP A 262 -9.70 10.93 1.84
C ASP A 262 -9.89 10.41 3.27
N TRP A 263 -9.86 9.10 3.45
CA TRP A 263 -10.03 8.53 4.77
C TRP A 263 -9.67 7.06 4.77
N ILE A 264 -9.39 6.57 5.97
CA ILE A 264 -9.37 5.14 6.24
C ILE A 264 -10.21 4.94 7.51
N ARG A 265 -11.04 3.89 7.49
CA ARG A 265 -11.89 3.57 8.63
C ARG A 265 -11.88 2.07 8.84
N VAL A 266 -11.89 1.67 10.12
CA VAL A 266 -11.93 0.26 10.48
C VAL A 266 -13.01 0.08 11.54
N PHE A 267 -13.90 -0.89 11.32
CA PHE A 267 -14.92 -1.20 12.31
C PHE A 267 -15.09 -2.69 12.47
#